data_4FBM
#
_entry.id   4FBM
#
_cell.length_a   170.650
_cell.length_b   170.650
_cell.length_c   46.830
_cell.angle_alpha   90.00
_cell.angle_beta   90.00
_cell.angle_gamma   90.00
#
_symmetry.space_group_name_H-M   'P 42 21 2'
#
loop_
_entity.id
_entity.type
_entity.pdbx_description
1 polymer 'LipS lipolytic enzyme'
2 non-polymer 'BROMIDE ION'
3 water water
#
_entity_poly.entity_id   1
_entity_poly.type   'polypeptide(L)'
_entity_poly.pdbx_seq_one_letter_code
;MSRKSRNCRNPPRSGDAQQRPRERSGSGMSTTPLQVLPGAEPLYSVGSRIGVLVSHGFTGSPQSMRFLAEGFARAGYTVA
TPRLTGHGTTPAEMAASTASDWTADIVAAMRWLEERCDVLFMTGLSMGGALTVWAAGQFPERFAGIMPINAALRMESPDL
AALAFNPDAPAELPGIGSDIKAEGVKELAYPVTPVPAIKHLITIGAVAEMLLPRVKCPALIIQSREDHVVPPHNGELIYN
GIGSTEKELLWLENSYHVATLDNDKELILERSLAFIRKHSKLAAALEHHHHHH
;
_entity_poly.pdbx_strand_id   A,B
#
# COMPACT_ATOMS: atom_id res chain seq x y z
N GLN A 35 19.96 22.70 5.20
CA GLN A 35 20.10 23.53 4.00
C GLN A 35 19.26 22.97 2.88
N VAL A 36 18.53 23.86 2.24
CA VAL A 36 17.69 23.45 1.15
C VAL A 36 18.42 23.73 -0.16
N LEU A 37 18.50 22.72 -1.01
CA LEU A 37 19.21 22.87 -2.24
C LEU A 37 18.65 23.99 -3.12
N PRO A 38 19.52 24.65 -3.91
CA PRO A 38 19.05 25.74 -4.77
C PRO A 38 17.98 25.29 -5.75
N GLY A 39 16.82 25.96 -5.68
CA GLY A 39 15.76 25.84 -6.69
C GLY A 39 14.71 24.83 -6.29
N ALA A 40 14.78 24.43 -5.03
CA ALA A 40 13.86 23.44 -4.57
C ALA A 40 12.99 24.00 -3.47
N GLU A 41 13.12 25.30 -3.18
CA GLU A 41 12.30 25.93 -2.12
C GLU A 41 10.79 25.93 -2.51
N PRO A 42 9.87 26.02 -1.53
CA PRO A 42 8.46 25.91 -1.90
C PRO A 42 7.95 27.19 -2.56
N LEU A 43 6.88 27.08 -3.31
CA LEU A 43 6.35 28.28 -3.91
C LEU A 43 5.00 28.65 -3.30
N TYR A 44 5.04 29.54 -2.31
CA TYR A 44 3.83 30.00 -1.59
C TYR A 44 3.36 31.40 -2.05
N SER A 45 2.44 31.43 -3.01
CA SER A 45 2.00 32.68 -3.64
C SER A 45 0.54 33.08 -3.38
N VAL A 46 0.40 34.32 -2.95
CA VAL A 46 -0.88 34.96 -2.61
C VAL A 46 -1.71 35.47 -3.79
N GLY A 47 -3.03 35.51 -3.60
CA GLY A 47 -3.95 35.93 -4.64
C GLY A 47 -5.39 35.88 -4.20
N SER A 48 -6.24 35.54 -5.15
CA SER A 48 -7.67 35.51 -4.97
C SER A 48 -8.17 34.48 -3.93
N ARG A 49 -9.48 34.26 -3.93
CA ARG A 49 -10.19 33.41 -2.99
C ARG A 49 -10.23 31.98 -3.49
N ILE A 50 -9.62 31.75 -4.63
CA ILE A 50 -9.49 30.42 -5.18
C ILE A 50 -8.07 29.96 -5.02
N GLY A 51 -7.92 28.84 -4.31
CA GLY A 51 -6.63 28.23 -3.96
C GLY A 51 -6.30 26.99 -4.78
N VAL A 52 -5.02 26.83 -5.08
CA VAL A 52 -4.50 25.65 -5.75
C VAL A 52 -3.32 25.12 -4.94
N LEU A 53 -3.46 23.88 -4.52
CA LEU A 53 -2.36 23.16 -3.95
C LEU A 53 -1.70 22.34 -5.09
N VAL A 54 -0.36 22.30 -5.09
CA VAL A 54 0.41 21.69 -6.16
C VAL A 54 1.56 20.87 -5.59
N SER A 55 1.44 19.55 -5.73
CA SER A 55 2.33 18.61 -5.07
C SER A 55 3.32 17.95 -6.03
N HIS A 56 4.57 17.96 -5.63
CA HIS A 56 5.59 17.28 -6.35
C HIS A 56 5.70 15.83 -5.96
N GLY A 57 6.61 15.15 -6.66
CA GLY A 57 6.83 13.71 -6.48
C GLY A 57 7.95 13.23 -5.60
N PHE A 58 8.19 11.94 -5.72
CA PHE A 58 9.07 11.15 -4.87
C PHE A 58 10.54 11.29 -5.29
N THR A 59 11.37 11.76 -4.37
CA THR A 59 12.75 12.19 -4.64
C THR A 59 12.80 13.50 -5.43
N GLY A 60 11.63 14.07 -5.72
CA GLY A 60 11.49 15.28 -6.52
C GLY A 60 11.59 16.52 -5.68
N SER A 61 11.20 17.65 -6.25
CA SER A 61 11.10 18.91 -5.49
C SER A 61 10.11 19.82 -6.20
N PRO A 62 9.84 20.99 -5.62
CA PRO A 62 9.02 22.01 -6.24
C PRO A 62 9.55 22.39 -7.61
N GLN A 63 10.88 22.50 -7.80
CA GLN A 63 11.41 22.89 -9.07
C GLN A 63 10.67 22.19 -10.16
N SER A 64 10.35 20.92 -10.00
CA SER A 64 9.73 20.26 -11.11
C SER A 64 8.28 20.70 -11.36
N MET A 65 7.78 21.55 -10.45
CA MET A 65 6.38 22.00 -10.52
C MET A 65 6.31 23.52 -10.73
N ARG A 66 7.48 24.16 -10.85
CA ARG A 66 7.57 25.62 -10.82
C ARG A 66 6.96 26.29 -12.07
N PHE A 67 6.86 25.55 -13.16
CA PHE A 67 6.17 26.12 -14.29
C PHE A 67 4.71 26.25 -13.95
N LEU A 68 4.05 25.14 -13.64
CA LEU A 68 2.63 25.15 -13.19
C LEU A 68 2.26 26.23 -12.16
N ALA A 69 2.89 26.14 -11.00
CA ALA A 69 2.61 27.02 -9.89
C ALA A 69 2.70 28.45 -10.33
N GLU A 70 3.87 28.88 -10.82
CA GLU A 70 4.03 30.28 -11.22
C GLU A 70 2.99 30.64 -12.27
N GLY A 71 2.54 29.65 -13.03
CA GLY A 71 1.39 29.85 -13.91
C GLY A 71 0.15 30.33 -13.17
N PHE A 72 -0.22 29.57 -12.14
CA PHE A 72 -1.46 29.78 -11.36
C PHE A 72 -1.41 31.08 -10.57
N ALA A 73 -0.22 31.43 -10.07
CA ALA A 73 -0.02 32.61 -9.22
C ALA A 73 -0.28 33.85 -10.03
N ARG A 74 0.14 33.71 -11.29
CA ARG A 74 0.04 34.70 -12.32
C ARG A 74 -1.41 34.84 -12.77
N ALA A 75 -2.17 33.76 -12.76
CA ALA A 75 -3.56 33.88 -13.21
C ALA A 75 -4.51 34.31 -12.07
N GLY A 76 -3.92 34.86 -11.01
CA GLY A 76 -4.70 35.46 -9.92
C GLY A 76 -4.64 34.71 -8.59
N TYR A 77 -4.91 33.41 -8.69
CA TYR A 77 -5.13 32.47 -7.59
C TYR A 77 -4.05 32.43 -6.53
N THR A 78 -4.44 32.11 -5.29
CA THR A 78 -3.50 31.83 -4.19
C THR A 78 -2.99 30.42 -4.38
N VAL A 79 -1.71 30.21 -4.13
CA VAL A 79 -1.11 28.94 -4.48
C VAL A 79 -0.14 28.47 -3.43
N ALA A 80 -0.25 27.17 -3.11
CA ALA A 80 0.69 26.51 -2.23
C ALA A 80 1.38 25.36 -2.95
N THR A 81 2.70 25.34 -2.85
CA THR A 81 3.54 24.38 -3.55
C THR A 81 4.59 23.88 -2.57
N PRO A 82 4.17 23.00 -1.64
CA PRO A 82 5.01 22.71 -0.49
C PRO A 82 6.26 21.91 -0.84
N ARG A 83 7.29 22.04 0.01
CA ARG A 83 8.43 21.14 -0.01
C ARG A 83 8.20 19.92 0.90
N LEU A 84 7.86 18.77 0.30
CA LEU A 84 7.63 17.54 1.08
C LEU A 84 8.82 17.25 1.96
N THR A 85 8.51 16.93 3.21
CA THR A 85 9.46 16.49 4.22
C THR A 85 10.51 15.54 3.66
N GLY A 86 11.78 15.88 3.89
CA GLY A 86 12.92 15.06 3.47
C GLY A 86 13.33 15.32 2.03
N HIS A 87 12.54 16.10 1.32
CA HIS A 87 12.84 16.38 -0.06
C HIS A 87 13.64 17.67 -0.20
N GLY A 88 14.40 17.72 -1.28
CA GLY A 88 15.17 18.89 -1.62
C GLY A 88 16.27 19.22 -0.65
N THR A 89 16.63 18.27 0.21
CA THR A 89 17.78 18.46 1.07
C THR A 89 18.74 17.34 0.78
N THR A 90 18.61 16.23 1.50
CA THR A 90 19.56 15.11 1.42
C THR A 90 18.83 13.76 1.39
N PRO A 91 19.38 12.74 0.67
CA PRO A 91 18.67 11.45 0.59
C PRO A 91 18.55 10.81 1.95
N ALA A 92 19.49 11.15 2.83
CA ALA A 92 19.52 10.59 4.16
C ALA A 92 18.32 11.11 4.96
N GLU A 93 17.93 12.36 4.72
CA GLU A 93 16.83 12.95 5.46
C GLU A 93 15.56 12.32 4.90
N MET A 94 15.49 12.17 3.59
CA MET A 94 14.34 11.53 2.96
C MET A 94 14.14 10.11 3.47
N ALA A 95 15.25 9.37 3.55
CA ALA A 95 15.29 8.01 4.13
C ALA A 95 14.72 7.93 5.54
N ALA A 96 14.70 9.05 6.25
CA ALA A 96 14.11 9.08 7.59
C ALA A 96 12.63 9.59 7.61
N SER A 97 12.12 10.04 6.45
CA SER A 97 10.77 10.58 6.33
C SER A 97 9.76 9.51 5.94
N THR A 98 8.50 9.71 6.34
CA THR A 98 7.47 8.67 6.17
C THR A 98 6.28 9.16 5.35
N ALA A 99 5.39 8.23 5.01
CA ALA A 99 4.13 8.62 4.42
C ALA A 99 3.26 9.51 5.36
N SER A 100 3.31 9.30 6.67
CA SER A 100 2.67 10.19 7.64
C SER A 100 3.09 11.64 7.46
N ASP A 101 4.40 11.87 7.30
CA ASP A 101 4.94 13.20 7.11
C ASP A 101 4.33 13.85 5.89
N TRP A 102 4.34 13.13 4.77
CA TRP A 102 3.91 13.71 3.51
C TRP A 102 2.37 14.00 3.44
N THR A 103 1.55 13.07 3.88
CA THR A 103 0.14 13.42 4.08
C THR A 103 0.00 14.65 5.02
N ALA A 104 0.60 14.61 6.20
CA ALA A 104 0.57 15.80 7.04
C ALA A 104 1.09 17.13 6.34
N ASP A 105 2.04 17.02 5.39
CA ASP A 105 2.55 18.21 4.70
C ASP A 105 1.47 18.75 3.79
N ILE A 106 0.80 17.86 3.07
CA ILE A 106 -0.31 18.26 2.22
C ILE A 106 -1.41 18.88 3.05
N VAL A 107 -1.60 18.36 4.27
CA VAL A 107 -2.68 18.83 5.12
C VAL A 107 -2.37 20.25 5.56
N ALA A 108 -1.12 20.48 5.92
CA ALA A 108 -0.66 21.76 6.44
C ALA A 108 -0.77 22.85 5.40
N ALA A 109 -0.53 22.48 4.14
CA ALA A 109 -0.59 23.41 3.04
C ALA A 109 -2.05 23.72 2.73
N MET A 110 -2.87 22.68 2.81
CA MET A 110 -4.29 22.81 2.57
C MET A 110 -4.91 23.76 3.59
N ARG A 111 -4.51 23.63 4.85
CA ARG A 111 -5.01 24.52 5.89
C ARG A 111 -4.48 25.94 5.73
N TRP A 112 -3.32 26.08 5.11
CA TRP A 112 -2.79 27.40 4.85
C TRP A 112 -3.63 28.07 3.77
N LEU A 113 -4.24 27.30 2.88
CA LEU A 113 -5.02 27.94 1.84
C LEU A 113 -6.34 28.37 2.40
N GLU A 114 -6.88 27.54 3.30
CA GLU A 114 -8.18 27.73 3.89
C GLU A 114 -8.17 28.99 4.71
N GLU A 115 -7.02 29.36 5.29
CA GLU A 115 -6.82 30.69 5.88
C GLU A 115 -7.39 31.83 5.00
N ARG A 116 -7.17 31.75 3.69
CA ARG A 116 -7.53 32.81 2.72
C ARG A 116 -8.47 32.36 1.61
N CYS A 117 -8.93 31.13 1.62
CA CYS A 117 -9.64 30.68 0.45
C CYS A 117 -10.91 29.97 0.81
N ASP A 118 -11.84 29.99 -0.12
CA ASP A 118 -13.01 29.19 0.05
C ASP A 118 -13.31 28.29 -1.17
N VAL A 119 -12.59 28.47 -2.27
CA VAL A 119 -12.63 27.44 -3.31
C VAL A 119 -11.27 26.81 -3.50
N LEU A 120 -11.18 25.50 -3.27
CA LEU A 120 -9.90 24.76 -3.42
C LEU A 120 -9.83 23.77 -4.58
N PHE A 121 -8.64 23.73 -5.17
CA PHE A 121 -8.26 22.83 -6.25
C PHE A 121 -6.90 22.10 -5.96
N MET A 122 -6.81 20.80 -6.29
CA MET A 122 -5.51 20.14 -6.14
C MET A 122 -4.94 19.52 -7.42
N THR A 123 -3.64 19.69 -7.56
CA THR A 123 -2.90 19.09 -8.63
C THR A 123 -1.52 18.64 -8.15
N GLY A 124 -1.09 17.50 -8.68
CA GLY A 124 0.24 16.96 -8.34
C GLY A 124 0.76 16.00 -9.40
N LEU A 125 2.08 15.82 -9.35
CA LEU A 125 2.78 14.98 -10.31
C LEU A 125 3.21 13.72 -9.63
N SER A 126 2.89 12.58 -10.24
CA SER A 126 3.48 11.32 -9.82
C SER A 126 2.94 10.90 -8.44
N MET A 127 3.79 10.89 -7.41
CA MET A 127 3.33 10.62 -6.06
C MET A 127 2.46 11.76 -5.64
N GLY A 128 2.83 12.97 -6.06
CA GLY A 128 1.97 14.17 -5.95
C GLY A 128 0.59 13.92 -6.56
N GLY A 129 0.56 13.14 -7.64
CA GLY A 129 -0.71 12.69 -8.20
C GLY A 129 -1.52 11.83 -7.23
N ALA A 130 -0.83 11.04 -6.43
CA ALA A 130 -1.54 10.07 -5.63
C ALA A 130 -2.02 10.76 -4.38
N LEU A 131 -1.27 11.77 -3.96
CA LEU A 131 -1.66 12.59 -2.82
C LEU A 131 -2.88 13.41 -3.16
N THR A 132 -2.96 13.84 -4.43
CA THR A 132 -4.11 14.57 -4.97
C THR A 132 -5.36 13.72 -4.88
N VAL A 133 -5.27 12.49 -5.40
CA VAL A 133 -6.40 11.55 -5.38
C VAL A 133 -6.71 11.18 -3.94
N TRP A 134 -5.67 11.10 -3.11
CA TRP A 134 -5.83 10.74 -1.71
C TRP A 134 -6.63 11.84 -1.05
N ALA A 135 -6.21 13.07 -1.27
CA ALA A 135 -6.83 14.23 -0.66
C ALA A 135 -8.29 14.28 -1.06
N ALA A 136 -8.58 14.06 -2.34
CA ALA A 136 -9.93 14.26 -2.79
C ALA A 136 -10.78 13.25 -2.09
N GLY A 137 -10.22 12.08 -1.81
CA GLY A 137 -11.00 11.02 -1.19
C GLY A 137 -11.03 11.17 0.30
N GLN A 138 -9.98 11.74 0.89
CA GLN A 138 -9.93 11.91 2.33
C GLN A 138 -10.86 13.04 2.75
N PHE A 139 -10.91 14.08 1.93
CA PHE A 139 -11.74 15.23 2.20
C PHE A 139 -12.77 15.44 1.08
N PRO A 140 -13.72 14.51 0.98
CA PRO A 140 -14.69 14.45 -0.09
C PRO A 140 -15.30 15.80 -0.52
N GLU A 141 -15.69 16.62 0.46
CA GLU A 141 -16.36 17.91 0.21
C GLU A 141 -15.44 19.09 -0.04
N ARG A 142 -14.16 18.93 0.25
CA ARG A 142 -13.27 20.08 0.40
C ARG A 142 -12.80 20.66 -0.94
N PHE A 143 -12.87 19.88 -2.01
CA PHE A 143 -12.22 20.24 -3.28
C PHE A 143 -13.16 20.50 -4.45
N ALA A 144 -13.02 21.64 -5.14
CA ALA A 144 -13.84 21.87 -6.33
C ALA A 144 -13.34 21.03 -7.51
N GLY A 145 -12.04 20.77 -7.58
CA GLY A 145 -11.50 19.86 -8.61
C GLY A 145 -10.05 19.36 -8.48
N ILE A 146 -9.81 18.20 -9.08
CA ILE A 146 -8.47 17.67 -9.09
C ILE A 146 -7.87 17.42 -10.47
N MET A 147 -6.57 17.66 -10.60
CA MET A 147 -5.86 17.35 -11.85
C MET A 147 -4.66 16.47 -11.54
N PRO A 148 -4.91 15.18 -11.38
CA PRO A 148 -3.76 14.31 -11.17
C PRO A 148 -3.01 14.10 -12.49
N ILE A 149 -1.69 14.30 -12.43
CA ILE A 149 -0.78 14.14 -13.56
C ILE A 149 0.11 12.93 -13.31
N ASN A 150 -0.15 11.83 -14.02
CA ASN A 150 0.66 10.62 -13.90
C ASN A 150 0.67 10.14 -12.48
N ALA A 151 -0.51 9.94 -11.92
CA ALA A 151 -0.63 9.45 -10.56
C ALA A 151 0.12 8.14 -10.41
N ALA A 152 0.99 8.11 -9.42
CA ALA A 152 1.75 6.93 -9.01
C ALA A 152 0.94 6.05 -8.07
N LEU A 153 -0.11 5.40 -8.59
CA LEU A 153 -1.05 4.59 -7.78
C LEU A 153 -0.66 3.14 -7.68
N ARG A 154 -0.22 2.57 -8.82
CA ARG A 154 0.24 1.20 -8.89
C ARG A 154 1.48 1.25 -9.69
N MET A 155 2.61 1.00 -9.05
CA MET A 155 3.89 1.11 -9.69
C MET A 155 4.08 -0.09 -10.58
N GLU A 156 3.43 -1.17 -10.16
CA GLU A 156 3.49 -2.46 -10.80
C GLU A 156 4.88 -2.91 -11.19
N SER A 157 5.82 -2.72 -10.27
CA SER A 157 7.15 -3.30 -10.36
C SER A 157 7.48 -4.30 -9.23
N PRO A 158 7.65 -5.59 -9.58
CA PRO A 158 8.11 -6.51 -8.55
C PRO A 158 9.39 -6.11 -7.88
N ASP A 159 10.34 -5.54 -8.61
CA ASP A 159 11.68 -5.28 -8.04
C ASP A 159 11.64 -4.22 -6.96
N LEU A 160 10.73 -3.26 -7.09
CA LEU A 160 10.63 -2.17 -6.15
C LEU A 160 9.98 -2.67 -4.87
N ALA A 161 9.08 -3.63 -5.04
CA ALA A 161 8.37 -4.21 -3.91
C ALA A 161 9.32 -5.05 -3.10
N ALA A 162 10.24 -5.72 -3.78
CA ALA A 162 11.19 -6.58 -3.09
C ALA A 162 12.22 -5.73 -2.36
N LEU A 163 12.10 -4.42 -2.47
CA LEU A 163 12.94 -3.55 -1.69
C LEU A 163 12.16 -2.90 -0.56
N ALA A 164 10.84 -3.07 -0.54
CA ALA A 164 10.05 -2.39 0.46
C ALA A 164 10.50 -2.76 1.88
N PHE A 165 10.66 -4.06 2.14
CA PHE A 165 11.03 -4.54 3.48
C PHE A 165 12.22 -5.48 3.42
N ASN A 166 13.21 -5.12 2.62
CA ASN A 166 14.37 -5.93 2.49
C ASN A 166 15.45 -5.68 3.55
N PRO A 167 15.70 -6.72 4.37
CA PRO A 167 16.68 -6.61 5.47
C PRO A 167 18.10 -6.38 4.90
N ASP A 168 18.41 -7.01 3.77
CA ASP A 168 19.73 -6.95 3.18
C ASP A 168 19.70 -6.38 1.78
N ALA A 169 19.28 -5.11 1.76
CA ALA A 169 19.19 -4.30 0.58
C ALA A 169 20.19 -3.23 0.91
N PRO A 170 20.75 -2.58 -0.09
CA PRO A 170 21.63 -1.47 0.22
C PRO A 170 20.80 -0.27 0.65
N ALA A 171 21.45 0.71 1.23
CA ALA A 171 20.82 1.96 1.58
C ALA A 171 20.39 2.73 0.35
N GLU A 172 21.10 2.61 -0.75
CA GLU A 172 20.78 3.49 -1.89
C GLU A 172 20.73 2.74 -3.20
N LEU A 173 19.84 3.17 -4.07
CA LEU A 173 19.77 2.65 -5.42
C LEU A 173 19.81 3.81 -6.37
N PRO A 174 20.06 3.56 -7.67
CA PRO A 174 19.97 4.67 -8.60
C PRO A 174 18.57 5.30 -8.59
N GLY A 175 18.52 6.64 -8.51
CA GLY A 175 17.28 7.42 -8.58
C GLY A 175 16.46 7.22 -9.85
N ILE A 176 15.22 7.68 -9.79
CA ILE A 176 14.24 7.49 -10.87
C ILE A 176 13.89 8.76 -11.68
N GLY A 177 14.52 9.89 -11.33
CA GLY A 177 14.24 11.20 -11.93
C GLY A 177 14.42 11.34 -13.45
N SER A 178 13.91 12.44 -13.99
CA SER A 178 14.23 12.92 -15.34
C SER A 178 13.76 12.07 -16.52
N ASP A 179 12.53 11.58 -16.50
CA ASP A 179 12.00 10.85 -17.65
C ASP A 179 11.27 11.76 -18.65
N ILE A 180 12.04 12.48 -19.46
CA ILE A 180 11.51 13.53 -20.35
C ILE A 180 11.89 13.41 -21.84
N LYS A 181 10.86 13.36 -22.67
CA LYS A 181 10.96 13.20 -24.13
C LYS A 181 11.68 14.35 -24.81
N ALA A 182 11.88 15.42 -24.04
CA ALA A 182 12.28 16.70 -24.57
C ALA A 182 13.77 16.83 -24.44
N GLU A 183 14.47 16.93 -25.57
CA GLU A 183 15.92 17.01 -25.53
C GLU A 183 16.41 18.18 -24.65
N GLY A 184 17.43 17.94 -23.83
CA GLY A 184 18.13 19.02 -23.12
C GLY A 184 17.53 19.51 -21.81
N VAL A 185 16.46 18.84 -21.35
CA VAL A 185 15.64 19.27 -20.18
C VAL A 185 15.83 18.37 -18.94
N LYS A 186 16.45 18.86 -17.87
CA LYS A 186 16.76 18.00 -16.71
C LYS A 186 16.04 18.33 -15.37
N GLU A 187 15.29 17.38 -14.80
CA GLU A 187 14.67 17.60 -13.45
C GLU A 187 15.67 17.61 -12.27
N LEU A 188 15.35 18.35 -11.20
CA LEU A 188 16.17 18.40 -9.98
C LEU A 188 15.76 17.37 -8.90
N ALA A 189 15.92 16.08 -9.22
CA ALA A 189 15.58 14.99 -8.29
C ALA A 189 16.85 14.41 -7.72
N TYR A 190 16.78 13.84 -6.53
CA TYR A 190 17.95 13.19 -5.99
C TYR A 190 18.52 12.17 -7.00
N PRO A 191 19.83 11.98 -6.97
CA PRO A 191 20.49 11.06 -7.89
C PRO A 191 20.23 9.63 -7.49
N VAL A 192 20.04 9.43 -6.21
CA VAL A 192 19.71 8.12 -5.64
C VAL A 192 18.26 8.04 -5.16
N THR A 193 17.78 6.81 -5.00
CA THR A 193 16.52 6.49 -4.36
C THR A 193 16.84 5.85 -3.05
N PRO A 194 16.48 6.49 -1.91
CA PRO A 194 16.74 5.91 -0.60
C PRO A 194 15.83 4.74 -0.34
N VAL A 195 16.41 3.60 0.02
CA VAL A 195 15.62 2.36 0.04
C VAL A 195 14.51 2.34 1.06
N PRO A 196 14.74 2.89 2.26
CA PRO A 196 13.76 2.77 3.33
C PRO A 196 12.47 3.57 3.09
N ALA A 197 12.56 4.57 2.20
CA ALA A 197 11.38 5.36 1.82
C ALA A 197 10.49 4.70 0.77
N ILE A 198 10.92 3.60 0.18
CA ILE A 198 10.16 2.99 -0.92
C ILE A 198 8.78 2.56 -0.48
N LYS A 199 8.67 1.97 0.72
CA LYS A 199 7.41 1.45 1.23
C LYS A 199 6.35 2.52 1.29
N HIS A 200 6.75 3.68 1.81
CA HIS A 200 5.86 4.81 1.97
C HIS A 200 5.32 5.24 0.62
N LEU A 201 6.16 5.20 -0.43
CA LEU A 201 5.66 5.45 -1.77
C LEU A 201 4.50 4.48 -2.18
N ILE A 202 4.67 3.19 -1.90
CA ILE A 202 3.67 2.19 -2.22
C ILE A 202 2.40 2.38 -1.40
N THR A 203 2.59 2.70 -0.11
CA THR A 203 1.45 2.92 0.79
C THR A 203 0.55 4.00 0.25
N ILE A 204 1.12 5.15 -0.03
CA ILE A 204 0.37 6.27 -0.60
C ILE A 204 -0.41 5.82 -1.84
N GLY A 205 0.26 5.08 -2.72
CA GLY A 205 -0.32 4.64 -3.97
C GLY A 205 -1.52 3.76 -3.74
N ALA A 206 -1.41 2.87 -2.75
CA ALA A 206 -2.43 1.90 -2.45
C ALA A 206 -3.61 2.51 -1.72
N VAL A 207 -3.36 3.44 -0.78
CA VAL A 207 -4.45 4.13 -0.08
C VAL A 207 -5.28 4.94 -1.07
N ALA A 208 -4.61 5.77 -1.87
CA ALA A 208 -5.27 6.49 -2.96
C ALA A 208 -6.15 5.57 -3.78
N GLU A 209 -5.62 4.42 -4.18
CA GLU A 209 -6.39 3.49 -5.02
C GLU A 209 -7.70 3.08 -4.36
N MET A 210 -7.60 2.73 -3.09
CA MET A 210 -8.70 2.21 -2.34
C MET A 210 -9.75 3.33 -2.09
N LEU A 211 -9.30 4.59 -2.10
CA LEU A 211 -10.17 5.76 -1.96
C LEU A 211 -10.89 6.24 -3.23
N LEU A 212 -10.59 5.68 -4.42
CA LEU A 212 -11.21 6.18 -5.67
C LEU A 212 -12.74 6.24 -5.61
N PRO A 213 -13.40 5.20 -5.05
CA PRO A 213 -14.84 5.30 -4.99
C PRO A 213 -15.36 6.59 -4.32
N ARG A 214 -14.60 7.20 -3.41
CA ARG A 214 -15.10 8.37 -2.64
C ARG A 214 -14.76 9.74 -3.22
N VAL A 215 -13.88 9.77 -4.21
CA VAL A 215 -13.64 11.00 -4.94
C VAL A 215 -14.89 11.21 -5.78
N LYS A 216 -15.62 12.32 -5.56
CA LYS A 216 -16.81 12.58 -6.39
C LYS A 216 -16.74 13.89 -7.19
N CYS A 217 -15.67 14.63 -6.94
CA CYS A 217 -15.44 15.92 -7.55
C CYS A 217 -14.95 15.82 -8.98
N PRO A 218 -15.05 16.93 -9.71
CA PRO A 218 -14.59 17.02 -11.07
C PRO A 218 -13.11 16.78 -11.22
N ALA A 219 -12.74 15.92 -12.18
CA ALA A 219 -11.37 15.46 -12.38
C ALA A 219 -10.85 15.58 -13.79
N LEU A 220 -9.68 16.17 -13.92
CA LEU A 220 -8.95 16.15 -15.16
C LEU A 220 -7.74 15.26 -15.00
N ILE A 221 -7.84 14.07 -15.55
CA ILE A 221 -6.85 13.02 -15.44
C ILE A 221 -5.83 13.08 -16.58
N ILE A 222 -4.62 13.49 -16.25
CA ILE A 222 -3.63 13.72 -17.24
C ILE A 222 -2.54 12.68 -17.13
N GLN A 223 -2.64 11.67 -17.99
CA GLN A 223 -1.66 10.61 -18.09
C GLN A 223 -0.94 10.68 -19.42
N SER A 224 0.40 10.61 -19.43
CA SER A 224 1.21 10.39 -20.65
C SER A 224 0.86 9.09 -21.38
N ARG A 225 1.08 9.04 -22.71
CA ARG A 225 0.93 7.74 -23.37
C ARG A 225 2.24 6.98 -23.33
N GLU A 226 3.35 7.67 -23.17
CA GLU A 226 4.63 6.97 -23.05
C GLU A 226 5.30 7.33 -21.74
N ASP A 227 5.21 6.42 -20.77
CA ASP A 227 5.74 6.67 -19.44
C ASP A 227 6.68 5.55 -19.00
N HIS A 228 7.88 5.89 -18.58
CA HIS A 228 8.85 4.86 -18.21
C HIS A 228 9.08 4.76 -16.73
N VAL A 229 8.34 5.54 -15.94
CA VAL A 229 8.40 5.49 -14.47
C VAL A 229 7.13 4.90 -13.81
N VAL A 230 5.97 5.45 -14.17
CA VAL A 230 4.67 4.96 -13.73
C VAL A 230 4.06 4.36 -14.99
N PRO A 231 3.43 3.19 -14.86
CA PRO A 231 2.69 2.56 -15.94
C PRO A 231 1.54 3.42 -16.40
N PRO A 232 1.42 3.66 -17.72
CA PRO A 232 0.46 4.65 -18.15
C PRO A 232 -0.97 4.12 -18.05
N HIS A 233 -1.18 2.85 -17.73
CA HIS A 233 -2.55 2.39 -17.61
C HIS A 233 -3.18 2.91 -16.31
N ASN A 234 -2.37 3.60 -15.50
CA ASN A 234 -2.87 4.19 -14.25
C ASN A 234 -4.01 5.16 -14.48
N GLY A 235 -3.92 5.98 -15.53
CA GLY A 235 -5.01 6.87 -15.93
C GLY A 235 -6.31 6.10 -16.04
N GLU A 236 -6.30 5.07 -16.87
CA GLU A 236 -7.47 4.25 -17.05
C GLU A 236 -7.96 3.76 -15.69
N LEU A 237 -7.04 3.29 -14.86
CA LEU A 237 -7.37 2.83 -13.52
C LEU A 237 -8.18 3.87 -12.74
N ILE A 238 -7.84 5.16 -12.92
CA ILE A 238 -8.55 6.27 -12.26
C ILE A 238 -9.92 6.61 -12.87
N TYR A 239 -9.96 6.79 -14.19
CA TYR A 239 -11.19 7.15 -14.87
C TYR A 239 -12.29 6.17 -14.57
N ASN A 240 -11.99 4.89 -14.53
CA ASN A 240 -13.01 3.89 -14.22
C ASN A 240 -13.17 3.63 -12.73
N GLY A 241 -12.33 4.28 -11.94
CA GLY A 241 -12.27 4.07 -10.50
C GLY A 241 -13.09 5.04 -9.68
N ILE A 242 -13.16 6.30 -10.11
CA ILE A 242 -13.80 7.33 -9.31
C ILE A 242 -15.31 7.31 -9.39
N GLY A 243 -15.97 7.67 -8.28
CA GLY A 243 -17.41 7.92 -8.24
C GLY A 243 -17.76 9.29 -8.80
N SER A 244 -16.71 10.07 -9.08
CA SER A 244 -16.85 11.37 -9.71
C SER A 244 -17.68 11.22 -10.97
N THR A 245 -18.51 12.21 -11.26
CA THR A 245 -19.33 12.13 -12.45
C THR A 245 -18.96 13.20 -13.48
N GLU A 246 -17.89 13.92 -13.23
CA GLU A 246 -17.49 14.94 -14.13
C GLU A 246 -16.03 14.72 -14.53
N LYS A 247 -15.78 13.63 -15.23
CA LYS A 247 -14.44 13.10 -15.34
C LYS A 247 -13.92 13.05 -16.74
N GLU A 248 -12.72 13.54 -16.93
CA GLU A 248 -12.12 13.57 -18.25
C GLU A 248 -10.69 12.98 -18.27
N LEU A 249 -10.45 12.01 -19.17
CA LEU A 249 -9.11 11.41 -19.37
C LEU A 249 -8.34 12.02 -20.56
N LEU A 250 -7.20 12.63 -20.25
CA LEU A 250 -6.51 13.40 -21.27
C LEU A 250 -5.12 12.87 -21.52
N TRP A 251 -4.96 12.15 -22.62
CA TRP A 251 -3.66 11.58 -23.02
C TRP A 251 -2.64 12.58 -23.50
N LEU A 252 -1.47 12.58 -22.89
CA LEU A 252 -0.36 13.33 -23.44
C LEU A 252 0.35 12.48 -24.48
N GLU A 253 0.87 13.12 -25.55
CA GLU A 253 1.40 12.37 -26.69
C GLU A 253 2.83 12.78 -27.02
N ASN A 254 3.29 13.89 -26.47
CA ASN A 254 4.63 14.38 -26.75
C ASN A 254 5.50 14.37 -25.54
N SER A 255 5.11 13.57 -24.54
CA SER A 255 5.87 13.56 -23.28
C SER A 255 5.86 12.28 -22.49
N TYR A 256 6.86 12.19 -21.62
CA TYR A 256 7.09 11.05 -20.75
C TYR A 256 6.47 11.24 -19.38
N HIS A 257 7.11 10.67 -18.36
CA HIS A 257 6.59 10.70 -16.97
C HIS A 257 6.56 12.10 -16.34
N VAL A 258 7.72 12.77 -16.35
CA VAL A 258 7.86 14.08 -15.74
C VAL A 258 7.31 15.20 -16.64
N ALA A 259 6.03 15.06 -16.99
CA ALA A 259 5.37 15.88 -18.01
C ALA A 259 5.19 17.35 -17.68
N THR A 260 5.36 17.74 -16.42
CA THR A 260 5.20 19.14 -16.06
C THR A 260 6.36 19.96 -16.55
N LEU A 261 7.28 19.32 -17.27
CA LEU A 261 8.48 19.96 -17.82
C LEU A 261 8.70 19.58 -19.26
N ASP A 262 8.00 18.55 -19.71
CA ASP A 262 8.25 17.94 -21.00
C ASP A 262 7.89 19.01 -22.00
N ASN A 263 7.55 18.56 -23.19
CA ASN A 263 7.05 19.44 -24.24
C ASN A 263 5.75 20.07 -23.84
N ASP A 264 4.89 19.28 -23.18
CA ASP A 264 3.50 19.65 -22.93
C ASP A 264 3.26 20.43 -21.69
N LYS A 265 4.31 20.88 -21.02
CA LYS A 265 4.07 21.63 -19.82
C LYS A 265 3.15 22.79 -20.04
N GLU A 266 3.31 23.46 -21.17
CA GLU A 266 2.47 24.56 -21.58
C GLU A 266 1.07 24.08 -21.83
N LEU A 267 0.92 22.98 -22.51
CA LEU A 267 -0.42 22.51 -22.76
C LEU A 267 -1.14 22.20 -21.45
N ILE A 268 -0.40 21.78 -20.42
CA ILE A 268 -1.05 21.31 -19.20
C ILE A 268 -1.57 22.51 -18.44
N LEU A 269 -0.70 23.51 -18.25
CA LEU A 269 -1.07 24.76 -17.58
C LEU A 269 -2.31 25.37 -18.18
N GLU A 270 -2.36 25.34 -19.50
CA GLU A 270 -3.47 25.92 -20.19
C GLU A 270 -4.73 25.11 -19.97
N ARG A 271 -4.70 23.83 -20.33
CA ARG A 271 -5.85 22.93 -20.04
C ARG A 271 -6.32 22.93 -18.57
N SER A 272 -5.42 23.25 -17.63
CA SER A 272 -5.81 23.29 -16.23
C SER A 272 -6.56 24.58 -15.90
N LEU A 273 -6.15 25.70 -16.48
CA LEU A 273 -6.85 26.97 -16.28
C LEU A 273 -8.28 26.87 -16.78
N ALA A 274 -8.48 26.41 -18.01
CA ALA A 274 -9.84 26.14 -18.47
C ALA A 274 -10.62 25.38 -17.41
N PHE A 275 -9.97 24.38 -16.80
CA PHE A 275 -10.65 23.50 -15.84
C PHE A 275 -11.10 24.26 -14.59
N ILE A 276 -10.16 25.00 -14.00
CA ILE A 276 -10.42 25.83 -12.83
C ILE A 276 -11.49 26.87 -13.16
N ARG A 277 -11.30 27.59 -14.26
CA ARG A 277 -12.26 28.60 -14.71
C ARG A 277 -13.62 27.96 -14.94
N LYS A 278 -13.66 26.74 -15.48
CA LYS A 278 -14.94 26.06 -15.80
C LYS A 278 -15.73 25.71 -14.56
N HIS A 279 -15.04 25.35 -13.49
CA HIS A 279 -15.73 24.78 -12.33
C HIS A 279 -15.88 25.70 -11.12
N SER A 280 -15.14 26.81 -11.09
CA SER A 280 -15.23 27.70 -9.95
C SER A 280 -16.32 28.71 -10.14
N LYS A 281 -16.30 29.40 -11.27
CA LYS A 281 -17.26 30.50 -11.56
C LYS A 281 -17.06 31.72 -10.60
N LEU A 282 -16.06 31.68 -9.70
CA LEU A 282 -15.65 32.84 -8.88
C LEU A 282 -14.35 33.46 -9.45
N ALA A 283 -13.93 32.90 -10.59
CA ALA A 283 -12.83 33.40 -11.40
C ALA A 283 -13.28 34.41 -12.48
N ALA A 284 -13.09 35.70 -12.20
CA ALA A 284 -13.24 36.82 -13.15
C ALA A 284 -11.90 37.50 -13.57
N ALA A 285 -11.34 37.15 -14.76
CA ALA A 285 -9.91 37.43 -15.14
C ALA A 285 -9.56 38.06 -16.54
N LEU A 286 -9.20 39.34 -16.54
CA LEU A 286 -9.14 40.15 -17.75
C LEU A 286 -7.82 40.09 -18.54
N GLN B 35 2.77 -7.96 29.45
CA GLN B 35 2.20 -9.30 29.71
C GLN B 35 1.50 -9.79 28.47
N VAL B 36 1.42 -11.10 28.30
CA VAL B 36 0.76 -11.69 27.15
C VAL B 36 -0.56 -12.29 27.58
N LEU B 37 -1.63 -11.91 26.91
CA LEU B 37 -2.95 -12.49 27.11
C LEU B 37 -2.99 -14.03 26.97
N PRO B 38 -3.82 -14.69 27.79
CA PRO B 38 -3.76 -16.14 27.82
C PRO B 38 -4.42 -16.78 26.60
N GLY B 39 -3.72 -17.75 26.01
CA GLY B 39 -4.16 -18.48 24.81
C GLY B 39 -3.53 -17.88 23.57
N ALA B 40 -2.77 -16.81 23.76
CA ALA B 40 -2.14 -16.03 22.68
C ALA B 40 -0.61 -16.06 22.70
N GLU B 41 -0.05 -16.88 23.59
CA GLU B 41 1.38 -17.19 23.60
C GLU B 41 1.84 -17.74 22.24
N PRO B 42 3.13 -17.57 21.91
CA PRO B 42 3.59 -18.09 20.62
C PRO B 42 3.79 -19.58 20.71
N LEU B 43 3.81 -20.26 19.58
CA LEU B 43 3.93 -21.72 19.62
C LEU B 43 4.97 -22.34 18.64
N TYR B 44 6.13 -22.70 19.17
CA TYR B 44 7.21 -23.31 18.39
C TYR B 44 7.51 -24.77 18.77
N SER B 45 7.01 -25.75 18.01
CA SER B 45 7.40 -27.18 18.18
C SER B 45 8.59 -27.64 17.31
N VAL B 46 9.58 -28.27 17.96
CA VAL B 46 10.73 -28.93 17.29
C VAL B 46 10.46 -30.34 16.70
N GLY B 47 10.79 -30.50 15.41
CA GLY B 47 10.46 -31.71 14.65
C GLY B 47 11.51 -32.12 13.66
N SER B 48 11.10 -32.60 12.51
CA SER B 48 12.09 -33.04 11.55
C SER B 48 12.89 -31.91 10.94
N ARG B 49 13.52 -32.23 9.81
CA ARG B 49 14.20 -31.25 8.99
C ARG B 49 13.19 -30.57 8.05
N ILE B 50 11.90 -30.80 8.30
CA ILE B 50 10.88 -30.05 7.58
C ILE B 50 10.12 -29.09 8.52
N GLY B 51 10.11 -27.80 8.13
CA GLY B 51 9.51 -26.72 8.90
C GLY B 51 8.33 -26.01 8.26
N VAL B 52 7.36 -25.66 9.11
CA VAL B 52 6.22 -24.84 8.71
C VAL B 52 6.21 -23.53 9.48
N LEU B 53 6.08 -22.44 8.73
CA LEU B 53 5.91 -21.13 9.36
C LEU B 53 4.43 -20.84 9.27
N VAL B 54 3.84 -20.51 10.41
CA VAL B 54 2.39 -20.38 10.52
C VAL B 54 2.04 -18.99 11.07
N SER B 55 1.35 -18.19 10.28
CA SER B 55 1.22 -16.79 10.64
C SER B 55 -0.20 -16.31 10.96
N HIS B 56 -0.39 -15.72 12.13
CA HIS B 56 -1.67 -15.07 12.46
C HIS B 56 -1.94 -13.73 11.77
N GLY B 57 -3.17 -13.25 11.95
CA GLY B 57 -3.64 -12.04 11.29
C GLY B 57 -3.59 -10.79 12.13
N PHE B 58 -4.16 -9.74 11.57
CA PHE B 58 -4.17 -8.41 12.15
C PHE B 58 -5.19 -8.30 13.29
N THR B 59 -4.74 -7.75 14.41
CA THR B 59 -5.49 -7.68 15.70
C THR B 59 -5.70 -9.03 16.39
N GLY B 60 -5.20 -10.09 15.77
CA GLY B 60 -5.45 -11.46 16.19
C GLY B 60 -4.28 -11.99 16.95
N SER B 61 -4.33 -13.26 17.31
CA SER B 61 -3.19 -13.92 17.96
C SER B 61 -3.06 -15.30 17.38
N PRO B 62 -2.00 -16.01 17.79
CA PRO B 62 -1.63 -17.33 17.31
C PRO B 62 -2.72 -18.35 17.57
N GLN B 63 -3.58 -18.06 18.54
CA GLN B 63 -4.64 -18.92 18.96
C GLN B 63 -5.62 -19.17 17.84
N SER B 64 -5.85 -18.19 17.00
CA SER B 64 -6.70 -18.40 15.82
C SER B 64 -6.02 -19.43 14.96
N MET B 65 -4.77 -19.72 15.28
CA MET B 65 -3.89 -20.52 14.46
C MET B 65 -3.54 -21.80 15.17
N ARG B 66 -3.78 -21.83 16.49
CA ARG B 66 -3.32 -22.89 17.38
C ARG B 66 -3.78 -24.31 16.99
N PHE B 67 -4.97 -24.42 16.38
CA PHE B 67 -5.40 -25.73 15.91
C PHE B 67 -4.56 -26.18 14.77
N LEU B 68 -4.25 -25.28 13.86
CA LEU B 68 -3.55 -25.69 12.66
C LEU B 68 -2.07 -25.97 12.92
N ALA B 69 -1.48 -25.14 13.75
CA ALA B 69 -0.08 -25.27 14.07
C ALA B 69 0.12 -26.58 14.79
N GLU B 70 -0.83 -26.96 15.62
CA GLU B 70 -0.70 -28.17 16.41
C GLU B 70 -0.70 -29.44 15.56
N GLY B 71 -1.50 -29.42 14.50
CA GLY B 71 -1.66 -30.54 13.61
C GLY B 71 -0.44 -30.80 12.78
N PHE B 72 0.30 -29.73 12.52
CA PHE B 72 1.61 -29.82 11.91
C PHE B 72 2.62 -30.40 12.87
N ALA B 73 2.67 -29.90 14.10
CA ALA B 73 3.65 -30.36 15.11
C ALA B 73 3.48 -31.86 15.47
N ARG B 74 2.46 -32.47 14.87
CA ARG B 74 2.02 -33.80 15.23
C ARG B 74 2.21 -34.83 14.14
N ALA B 75 2.45 -34.34 12.91
CA ALA B 75 3.04 -35.15 11.86
C ALA B 75 4.56 -34.99 11.98
N GLY B 76 4.98 -34.23 13.01
CA GLY B 76 6.38 -34.19 13.41
C GLY B 76 7.23 -33.01 12.94
N TYR B 77 6.72 -32.30 11.93
CA TYR B 77 7.38 -31.13 11.39
C TYR B 77 7.78 -30.20 12.50
N THR B 78 8.88 -29.47 12.29
CA THR B 78 9.23 -28.33 13.17
C THR B 78 8.26 -27.23 12.82
N VAL B 79 7.74 -26.55 13.85
CA VAL B 79 6.66 -25.57 13.65
C VAL B 79 6.93 -24.25 14.35
N ALA B 80 6.87 -23.17 13.58
CA ALA B 80 6.95 -21.85 14.17
C ALA B 80 5.69 -21.04 13.90
N THR B 81 5.08 -20.62 15.01
CA THR B 81 3.88 -19.81 15.03
C THR B 81 4.12 -18.57 15.89
N PRO B 82 4.71 -17.54 15.28
CA PRO B 82 5.14 -16.37 16.02
C PRO B 82 3.95 -15.53 16.45
N ARG B 83 4.17 -14.77 17.51
CA ARG B 83 3.19 -13.80 17.96
C ARG B 83 3.69 -12.45 17.47
N LEU B 84 3.04 -11.88 16.45
CA LEU B 84 3.48 -10.61 15.88
C LEU B 84 3.59 -9.53 16.94
N THR B 85 4.58 -8.65 16.83
CA THR B 85 4.68 -7.44 17.67
C THR B 85 3.34 -6.71 17.85
N GLY B 86 3.13 -6.19 19.05
CA GLY B 86 1.89 -5.46 19.40
C GLY B 86 0.67 -6.33 19.60
N HIS B 87 0.75 -7.58 19.16
CA HIS B 87 -0.38 -8.50 19.20
C HIS B 87 -0.45 -9.29 20.50
N GLY B 88 -1.66 -9.76 20.83
CA GLY B 88 -1.90 -10.52 22.04
C GLY B 88 -1.49 -9.85 23.32
N THR B 89 -1.13 -8.57 23.29
CA THR B 89 -0.91 -7.83 24.53
C THR B 89 -1.95 -6.73 24.77
N THR B 90 -1.65 -5.48 24.37
CA THR B 90 -2.57 -4.37 24.54
C THR B 90 -2.77 -3.67 23.20
N PRO B 91 -3.98 -3.10 22.95
CA PRO B 91 -4.20 -2.43 21.67
C PRO B 91 -3.36 -1.18 21.49
N ALA B 92 -2.95 -0.55 22.59
CA ALA B 92 -2.03 0.60 22.51
C ALA B 92 -0.62 0.20 22.04
N GLU B 93 -0.12 -0.94 22.52
CA GLU B 93 1.16 -1.43 22.02
C GLU B 93 1.05 -1.75 20.53
N MET B 94 -0.09 -2.27 20.07
CA MET B 94 -0.24 -2.50 18.62
C MET B 94 -0.24 -1.18 17.82
N ALA B 95 -0.77 -0.13 18.43
CA ALA B 95 -0.89 1.16 17.79
C ALA B 95 0.50 1.68 17.52
N ALA B 96 1.49 1.17 18.26
CA ALA B 96 2.89 1.59 18.04
C ALA B 96 3.72 0.58 17.23
N SER B 97 3.07 -0.38 16.56
CA SER B 97 3.78 -1.41 15.81
C SER B 97 3.65 -1.19 14.33
N THR B 98 4.71 -1.50 13.59
CA THR B 98 4.73 -1.24 12.15
C THR B 98 4.84 -2.47 11.30
N ALA B 99 4.60 -2.26 10.01
CA ALA B 99 4.81 -3.28 9.03
C ALA B 99 6.28 -3.78 8.99
N SER B 100 7.24 -2.89 9.33
CA SER B 100 8.65 -3.30 9.46
C SER B 100 8.82 -4.31 10.59
N ASP B 101 8.11 -4.06 11.69
CA ASP B 101 8.14 -4.95 12.84
C ASP B 101 7.60 -6.30 12.41
N TRP B 102 6.42 -6.35 11.78
CA TRP B 102 5.78 -7.63 11.52
C TRP B 102 6.58 -8.46 10.54
N THR B 103 7.15 -7.82 9.54
CA THR B 103 7.93 -8.52 8.56
C THR B 103 9.19 -9.02 9.23
N ALA B 104 9.76 -8.23 10.13
CA ALA B 104 10.93 -8.68 10.91
C ALA B 104 10.60 -9.90 11.79
N ASP B 105 9.37 -9.98 12.30
CA ASP B 105 8.87 -11.12 13.08
C ASP B 105 8.77 -12.39 12.24
N ILE B 106 8.35 -12.24 10.98
CA ILE B 106 8.35 -13.34 10.05
C ILE B 106 9.76 -13.79 9.78
N VAL B 107 10.68 -12.86 9.51
CA VAL B 107 12.05 -13.20 9.14
C VAL B 107 12.78 -13.87 10.30
N ALA B 108 12.67 -13.34 11.52
CA ALA B 108 13.16 -14.08 12.71
C ALA B 108 12.60 -15.52 12.81
N ALA B 109 11.37 -15.73 12.37
CA ALA B 109 10.77 -17.04 12.47
C ALA B 109 11.37 -18.01 11.43
N MET B 110 11.68 -17.50 10.23
CA MET B 110 12.42 -18.24 9.21
C MET B 110 13.79 -18.61 9.76
N ARG B 111 14.54 -17.63 10.22
CA ARG B 111 15.86 -17.90 10.78
C ARG B 111 15.81 -19.06 11.74
N TRP B 112 14.99 -18.94 12.76
CA TRP B 112 14.77 -20.00 13.71
C TRP B 112 14.54 -21.32 12.96
N LEU B 113 13.60 -21.32 12.03
CA LEU B 113 13.38 -22.55 11.31
C LEU B 113 14.62 -23.02 10.55
N GLU B 114 15.36 -22.09 9.96
CA GLU B 114 16.47 -22.48 9.09
C GLU B 114 17.64 -23.11 9.84
N GLU B 115 17.65 -22.95 11.17
CA GLU B 115 18.59 -23.70 12.00
C GLU B 115 18.25 -25.18 12.08
N ARG B 116 17.00 -25.54 11.84
CA ARG B 116 16.56 -26.88 12.13
C ARG B 116 16.04 -27.60 10.92
N CYS B 117 16.08 -26.95 9.77
CA CYS B 117 15.41 -27.50 8.60
C CYS B 117 16.13 -27.18 7.30
N ASP B 118 15.97 -28.08 6.31
CA ASP B 118 16.45 -27.85 4.95
C ASP B 118 15.30 -27.54 3.97
N VAL B 119 14.08 -27.78 4.43
CA VAL B 119 12.89 -27.57 3.62
C VAL B 119 11.92 -26.78 4.46
N LEU B 120 11.37 -25.70 3.90
CA LEU B 120 10.44 -24.80 4.61
C LEU B 120 9.13 -24.53 3.85
N PHE B 121 8.09 -24.22 4.62
CA PHE B 121 6.74 -23.98 4.10
C PHE B 121 6.14 -22.90 4.91
N MET B 122 5.25 -22.14 4.29
CA MET B 122 4.54 -21.09 5.02
C MET B 122 3.06 -21.05 4.72
N THR B 123 2.33 -20.70 5.76
CA THR B 123 0.90 -20.55 5.73
C THR B 123 0.50 -19.47 6.74
N GLY B 124 -0.61 -18.82 6.42
CA GLY B 124 -1.05 -17.69 7.21
C GLY B 124 -2.48 -17.37 6.90
N LEU B 125 -3.06 -16.58 7.78
CA LEU B 125 -4.44 -16.27 7.58
C LEU B 125 -4.56 -14.77 7.46
N SER B 126 -5.34 -14.34 6.47
CA SER B 126 -5.69 -12.94 6.39
C SER B 126 -4.42 -12.10 6.10
N MET B 127 -4.07 -11.14 6.95
CA MET B 127 -2.78 -10.42 6.84
C MET B 127 -1.62 -11.40 6.94
N GLY B 128 -1.75 -12.41 7.78
CA GLY B 128 -0.76 -13.47 7.84
C GLY B 128 -0.63 -14.19 6.50
N GLY B 129 -1.73 -14.30 5.76
CA GLY B 129 -1.66 -14.81 4.37
C GLY B 129 -1.05 -13.82 3.39
N ALA B 130 -1.14 -12.53 3.67
CA ALA B 130 -0.48 -11.54 2.85
C ALA B 130 1.01 -11.63 3.12
N LEU B 131 1.35 -11.88 4.39
CA LEU B 131 2.75 -12.12 4.74
C LEU B 131 3.34 -13.37 4.08
N THR B 132 2.54 -14.40 3.95
CA THR B 132 2.98 -15.60 3.28
C THR B 132 3.34 -15.26 1.87
N VAL B 133 2.42 -14.58 1.15
CA VAL B 133 2.69 -14.20 -0.25
C VAL B 133 3.89 -13.30 -0.29
N TRP B 134 4.07 -12.45 0.72
CA TRP B 134 5.27 -11.64 0.78
C TRP B 134 6.58 -12.43 0.94
N ALA B 135 6.56 -13.44 1.80
CA ALA B 135 7.77 -14.16 2.13
C ALA B 135 8.25 -14.92 0.90
N ALA B 136 7.31 -15.63 0.27
CA ALA B 136 7.60 -16.43 -0.92
C ALA B 136 8.10 -15.57 -2.06
N GLY B 137 7.75 -14.29 -2.06
CA GLY B 137 8.17 -13.38 -3.11
C GLY B 137 9.44 -12.63 -2.78
N GLN B 138 9.62 -12.30 -1.51
CA GLN B 138 10.83 -11.64 -1.05
C GLN B 138 12.01 -12.58 -1.14
N PHE B 139 11.76 -13.84 -0.82
CA PHE B 139 12.75 -14.89 -0.82
C PHE B 139 12.27 -15.94 -1.82
N PRO B 140 12.44 -15.62 -3.10
CA PRO B 140 11.89 -16.40 -4.22
C PRO B 140 12.16 -17.91 -4.14
N GLU B 141 13.26 -18.29 -3.49
CA GLU B 141 13.77 -19.68 -3.50
C GLU B 141 13.70 -20.35 -2.16
N ARG B 142 13.31 -19.63 -1.11
CA ARG B 142 13.45 -20.18 0.23
C ARG B 142 12.47 -21.30 0.56
N PHE B 143 11.26 -21.22 0.02
CA PHE B 143 10.16 -22.06 0.50
C PHE B 143 9.79 -23.10 -0.50
N ALA B 144 9.47 -24.29 -0.02
CA ALA B 144 9.10 -25.38 -0.93
C ALA B 144 7.66 -25.29 -1.42
N GLY B 145 6.80 -24.66 -0.61
CA GLY B 145 5.42 -24.38 -1.02
C GLY B 145 4.80 -23.45 -0.01
N ILE B 146 3.71 -22.78 -0.41
CA ILE B 146 2.95 -21.93 0.52
C ILE B 146 1.45 -22.22 0.59
N MET B 147 0.82 -21.85 1.69
CA MET B 147 -0.62 -22.04 1.84
C MET B 147 -1.34 -20.79 2.37
N PRO B 148 -1.57 -19.80 1.50
CA PRO B 148 -2.28 -18.60 1.95
C PRO B 148 -3.77 -18.85 2.09
N ILE B 149 -4.32 -18.47 3.24
CA ILE B 149 -5.73 -18.65 3.53
C ILE B 149 -6.37 -17.30 3.75
N ASN B 150 -7.22 -16.89 2.82
CA ASN B 150 -7.99 -15.66 2.97
C ASN B 150 -7.04 -14.45 3.04
N ALA B 151 -5.98 -14.51 2.23
CA ALA B 151 -4.91 -13.51 2.29
C ALA B 151 -5.44 -12.10 2.09
N ALA B 152 -5.09 -11.20 3.03
CA ALA B 152 -5.53 -9.80 3.01
C ALA B 152 -4.75 -8.87 2.05
N LEU B 153 -4.82 -9.20 0.77
CA LEU B 153 -4.13 -8.43 -0.25
C LEU B 153 -4.76 -7.12 -0.60
N ARG B 154 -6.08 -7.14 -0.77
CA ARG B 154 -6.83 -5.95 -1.11
C ARG B 154 -8.03 -5.90 -0.26
N MET B 155 -8.08 -4.99 0.68
CA MET B 155 -9.22 -4.92 1.57
C MET B 155 -10.43 -4.46 0.81
N GLU B 156 -10.18 -3.75 -0.28
CA GLU B 156 -11.23 -3.13 -1.10
C GLU B 156 -12.33 -2.38 -0.30
N SER B 157 -11.92 -1.53 0.63
CA SER B 157 -12.84 -0.81 1.48
C SER B 157 -12.49 0.70 1.65
N PRO B 158 -13.28 1.59 1.06
CA PRO B 158 -12.84 2.97 1.11
C PRO B 158 -12.89 3.56 2.49
N ASP B 159 -13.75 3.01 3.33
CA ASP B 159 -13.91 3.51 4.67
C ASP B 159 -12.69 3.22 5.50
N LEU B 160 -11.94 2.19 5.11
CA LEU B 160 -10.76 1.78 5.87
C LEU B 160 -9.62 2.65 5.46
N ALA B 161 -9.53 2.92 4.17
CA ALA B 161 -8.52 3.80 3.63
C ALA B 161 -8.67 5.23 4.15
N ALA B 162 -9.90 5.64 4.42
CA ALA B 162 -10.11 6.97 4.97
C ALA B 162 -9.52 7.11 6.40
N LEU B 163 -9.23 6.00 7.06
CA LEU B 163 -8.63 6.04 8.39
C LEU B 163 -7.09 5.95 8.41
N ALA B 164 -6.49 5.54 7.30
CA ALA B 164 -5.05 5.36 7.23
C ALA B 164 -4.24 6.61 7.58
N PHE B 165 -4.60 7.77 7.03
CA PHE B 165 -3.85 9.02 7.31
C PHE B 165 -4.77 10.17 7.72
N ASN B 166 -5.85 9.84 8.41
CA ASN B 166 -6.84 10.82 8.82
C ASN B 166 -6.39 11.45 10.13
N PRO B 167 -6.08 12.77 10.09
CA PRO B 167 -5.57 13.55 11.26
C PRO B 167 -6.53 13.53 12.48
N ASP B 168 -7.83 13.63 12.17
CA ASP B 168 -8.89 13.76 13.16
C ASP B 168 -9.54 12.45 13.63
N ALA B 169 -8.96 11.31 13.27
CA ALA B 169 -9.61 10.06 13.62
C ALA B 169 -9.46 9.76 15.12
N PRO B 170 -10.41 9.00 15.67
CA PRO B 170 -10.30 8.62 17.07
C PRO B 170 -9.29 7.51 17.18
N ALA B 171 -8.75 7.29 18.37
CA ALA B 171 -7.67 6.34 18.53
C ALA B 171 -8.12 4.93 18.25
N GLU B 172 -9.33 4.59 18.66
CA GLU B 172 -9.85 3.23 18.51
C GLU B 172 -11.15 3.12 17.70
N LEU B 173 -11.36 1.94 17.08
CA LEU B 173 -12.62 1.61 16.39
C LEU B 173 -13.09 0.21 16.72
N PRO B 174 -14.36 -0.13 16.37
CA PRO B 174 -14.70 -1.52 16.64
C PRO B 174 -13.73 -2.51 15.96
N GLY B 175 -13.42 -3.62 16.63
CA GLY B 175 -12.61 -4.73 16.08
C GLY B 175 -13.29 -5.49 14.95
N ILE B 176 -12.54 -6.37 14.28
CA ILE B 176 -13.07 -7.03 13.10
C ILE B 176 -13.14 -8.55 13.17
N GLY B 177 -12.78 -9.10 14.32
CA GLY B 177 -12.68 -10.54 14.52
C GLY B 177 -14.00 -11.30 14.59
N SER B 178 -13.92 -12.55 15.04
CA SER B 178 -15.02 -13.52 15.09
C SER B 178 -15.91 -13.63 13.85
N ASP B 179 -15.34 -13.58 12.65
CA ASP B 179 -16.18 -13.81 11.47
C ASP B 179 -16.23 -15.30 11.08
N ILE B 180 -17.02 -16.06 11.83
CA ILE B 180 -17.06 -17.50 11.74
C ILE B 180 -18.49 -18.07 11.61
N LYS B 181 -18.67 -19.11 10.81
CA LYS B 181 -19.98 -19.77 10.62
C LYS B 181 -20.39 -20.66 11.78
N ALA B 182 -19.45 -21.43 12.31
CA ALA B 182 -19.68 -22.30 13.49
C ALA B 182 -20.26 -21.57 14.71
N GLU B 183 -20.91 -22.31 15.60
CA GLU B 183 -21.65 -21.73 16.73
C GLU B 183 -20.84 -21.65 18.04
N GLY B 184 -20.87 -20.49 18.66
CA GLY B 184 -20.22 -20.27 19.96
C GLY B 184 -18.70 -20.18 19.89
N VAL B 185 -18.19 -20.31 18.67
CA VAL B 185 -16.76 -20.23 18.39
C VAL B 185 -16.25 -18.77 18.49
N LYS B 186 -15.53 -18.45 19.56
CA LYS B 186 -14.89 -17.12 19.69
C LYS B 186 -13.47 -17.14 19.08
N GLU B 187 -13.01 -16.01 18.55
CA GLU B 187 -11.57 -15.83 18.24
C GLU B 187 -11.01 -14.87 19.26
N LEU B 188 -9.91 -15.25 19.91
CA LEU B 188 -9.17 -14.28 20.72
C LEU B 188 -8.51 -13.25 19.79
N ALA B 189 -9.17 -12.10 19.65
CA ALA B 189 -8.62 -10.98 18.88
C ALA B 189 -9.05 -9.71 19.60
N TYR B 190 -8.22 -8.67 19.58
CA TYR B 190 -8.59 -7.38 20.18
C TYR B 190 -10.02 -6.94 19.85
N PRO B 191 -10.69 -6.30 20.82
CA PRO B 191 -12.05 -5.82 20.62
C PRO B 191 -12.12 -4.48 19.86
N VAL B 192 -11.00 -3.76 19.83
CA VAL B 192 -10.86 -2.50 19.10
C VAL B 192 -9.90 -2.72 17.94
N THR B 193 -10.09 -1.99 16.85
CA THR B 193 -9.08 -1.83 15.78
C THR B 193 -8.27 -0.56 16.03
N PRO B 194 -7.01 -0.69 16.51
CA PRO B 194 -6.23 0.54 16.74
C PRO B 194 -5.92 1.26 15.40
N VAL B 195 -6.45 2.47 15.25
CA VAL B 195 -6.45 3.11 13.94
C VAL B 195 -5.06 3.41 13.39
N PRO B 196 -4.11 3.76 14.26
CA PRO B 196 -2.87 4.13 13.62
C PRO B 196 -2.05 2.96 13.08
N ALA B 197 -2.62 1.75 13.04
CA ALA B 197 -1.96 0.56 12.52
C ALA B 197 -2.58 0.12 11.20
N ILE B 198 -3.67 0.77 10.83
CA ILE B 198 -4.41 0.40 9.65
C ILE B 198 -3.51 0.54 8.40
N LYS B 199 -2.75 1.63 8.32
CA LYS B 199 -1.92 1.88 7.17
C LYS B 199 -1.03 0.66 6.90
N HIS B 200 -0.55 0.04 7.99
CA HIS B 200 0.46 -1.01 7.85
C HIS B 200 -0.11 -2.28 7.30
N LEU B 201 -1.37 -2.53 7.64
CA LEU B 201 -2.13 -3.62 7.04
C LEU B 201 -2.26 -3.43 5.54
N ILE B 202 -2.44 -2.18 5.10
CA ILE B 202 -2.69 -1.88 3.71
C ILE B 202 -1.38 -2.06 2.93
N THR B 203 -0.28 -1.66 3.55
CA THR B 203 1.01 -1.69 2.90
C THR B 203 1.41 -3.15 2.63
N ILE B 204 1.24 -4.01 3.62
CA ILE B 204 1.61 -5.43 3.43
C ILE B 204 0.77 -6.04 2.31
N GLY B 205 -0.53 -5.76 2.31
CA GLY B 205 -1.39 -6.20 1.21
C GLY B 205 -0.93 -5.73 -0.17
N ALA B 206 -0.43 -4.51 -0.25
CA ALA B 206 -0.14 -3.90 -1.51
C ALA B 206 1.17 -4.45 -2.03
N VAL B 207 2.16 -4.52 -1.11
CA VAL B 207 3.51 -4.99 -1.37
C VAL B 207 3.39 -6.45 -1.80
N ALA B 208 2.58 -7.20 -1.06
CA ALA B 208 2.38 -8.60 -1.37
C ALA B 208 1.83 -8.76 -2.77
N GLU B 209 0.84 -7.94 -3.14
CA GLU B 209 0.22 -8.08 -4.44
C GLU B 209 1.22 -7.73 -5.53
N MET B 210 2.06 -6.74 -5.28
CA MET B 210 3.03 -6.33 -6.29
C MET B 210 4.14 -7.37 -6.56
N LEU B 211 4.36 -8.27 -5.60
CA LEU B 211 5.37 -9.30 -5.68
C LEU B 211 4.82 -10.61 -6.27
N LEU B 212 3.51 -10.69 -6.53
CA LEU B 212 2.92 -11.92 -7.06
C LEU B 212 3.73 -12.58 -8.21
N PRO B 213 4.18 -11.79 -9.20
CA PRO B 213 4.91 -12.46 -10.28
C PRO B 213 6.14 -13.27 -9.84
N ARG B 214 6.78 -12.88 -8.74
CA ARG B 214 8.01 -13.52 -8.32
C ARG B 214 7.79 -14.79 -7.55
N VAL B 215 6.57 -15.04 -7.12
CA VAL B 215 6.34 -16.23 -6.31
C VAL B 215 6.44 -17.44 -7.24
N LYS B 216 7.43 -18.31 -7.02
CA LYS B 216 7.64 -19.44 -7.95
C LYS B 216 7.19 -20.81 -7.40
N CYS B 217 7.25 -20.96 -6.08
CA CYS B 217 6.97 -22.24 -5.45
C CYS B 217 5.53 -22.70 -5.60
N PRO B 218 5.29 -24.02 -5.50
CA PRO B 218 3.90 -24.47 -5.46
C PRO B 218 3.01 -23.74 -4.41
N ALA B 219 1.74 -23.57 -4.76
CA ALA B 219 0.82 -22.79 -3.98
C ALA B 219 -0.52 -23.50 -3.93
N LEU B 220 -1.04 -23.64 -2.72
CA LEU B 220 -2.41 -24.07 -2.49
C LEU B 220 -3.12 -22.93 -1.78
N ILE B 221 -3.85 -22.17 -2.59
CA ILE B 221 -4.49 -20.95 -2.18
C ILE B 221 -5.81 -21.27 -1.51
N ILE B 222 -5.97 -20.89 -0.25
CA ILE B 222 -7.22 -21.20 0.45
C ILE B 222 -8.13 -19.97 0.66
N GLN B 223 -9.31 -20.00 0.07
CA GLN B 223 -10.22 -18.84 0.13
C GLN B 223 -11.69 -19.20 0.34
N SER B 224 -12.28 -18.68 1.43
CA SER B 224 -13.72 -18.89 1.76
C SER B 224 -14.62 -18.45 0.63
N ARG B 225 -15.70 -19.20 0.39
CA ARG B 225 -16.66 -18.80 -0.65
C ARG B 225 -17.33 -17.47 -0.25
N GLU B 226 -17.65 -17.35 1.03
CA GLU B 226 -18.20 -16.14 1.60
C GLU B 226 -17.29 -15.63 2.72
N ASP B 227 -16.80 -14.41 2.55
CA ASP B 227 -15.93 -13.74 3.53
C ASP B 227 -16.54 -12.40 3.83
N HIS B 228 -16.76 -12.09 5.09
CA HIS B 228 -17.27 -10.76 5.37
C HIS B 228 -16.18 -9.77 5.74
N VAL B 229 -14.93 -10.22 5.71
CA VAL B 229 -13.82 -9.36 6.09
C VAL B 229 -12.98 -9.06 4.87
N VAL B 230 -12.62 -10.09 4.14
CA VAL B 230 -11.77 -9.91 2.98
C VAL B 230 -12.52 -10.31 1.72
N PRO B 231 -12.56 -9.41 0.71
CA PRO B 231 -13.18 -9.75 -0.56
C PRO B 231 -12.57 -11.03 -1.14
N PRO B 232 -13.37 -12.10 -1.29
CA PRO B 232 -12.85 -13.40 -1.73
C PRO B 232 -12.36 -13.34 -3.16
N HIS B 233 -12.45 -12.18 -3.81
CA HIS B 233 -11.80 -12.09 -5.09
C HIS B 233 -10.28 -12.11 -4.91
N ASN B 234 -9.86 -12.10 -3.67
CA ASN B 234 -8.44 -12.18 -3.39
C ASN B 234 -7.81 -13.49 -3.84
N GLY B 235 -8.45 -14.62 -3.50
CA GLY B 235 -8.15 -15.94 -4.07
C GLY B 235 -7.87 -15.94 -5.56
N GLU B 236 -8.79 -15.44 -6.38
CA GLU B 236 -8.57 -15.39 -7.84
C GLU B 236 -7.48 -14.40 -8.26
N LEU B 237 -7.30 -13.33 -7.48
CA LEU B 237 -6.26 -12.35 -7.74
C LEU B 237 -4.94 -13.09 -7.71
N ILE B 238 -4.75 -13.82 -6.62
CA ILE B 238 -3.52 -14.57 -6.37
C ILE B 238 -3.28 -15.60 -7.48
N TYR B 239 -4.28 -16.48 -7.70
CA TYR B 239 -4.20 -17.49 -8.77
C TYR B 239 -3.67 -16.90 -10.08
N ASN B 240 -4.24 -15.79 -10.55
CA ASN B 240 -3.83 -15.26 -11.84
C ASN B 240 -2.48 -14.57 -11.79
N GLY B 241 -2.15 -14.05 -10.61
CA GLY B 241 -0.93 -13.26 -10.41
C GLY B 241 0.38 -14.02 -10.28
N ILE B 242 0.39 -15.13 -9.54
CA ILE B 242 1.65 -15.80 -9.22
C ILE B 242 2.37 -16.46 -10.42
N GLY B 243 3.69 -16.49 -10.34
CA GLY B 243 4.53 -17.06 -11.40
C GLY B 243 4.52 -18.56 -11.43
N SER B 244 3.99 -19.16 -10.35
CA SER B 244 4.01 -20.61 -10.14
C SER B 244 3.31 -21.42 -11.21
N THR B 245 3.85 -22.59 -11.49
CA THR B 245 3.20 -23.52 -12.40
C THR B 245 2.60 -24.72 -11.62
N GLU B 246 2.57 -24.62 -10.30
CA GLU B 246 2.09 -25.67 -9.43
C GLU B 246 1.12 -25.09 -8.41
N LYS B 247 0.03 -24.55 -8.94
CA LYS B 247 -0.92 -23.73 -8.17
C LYS B 247 -2.30 -24.35 -8.17
N GLU B 248 -2.96 -24.40 -7.02
CA GLU B 248 -4.39 -24.80 -6.95
C GLU B 248 -5.23 -24.00 -5.94
N LEU B 249 -6.37 -23.49 -6.42
CA LEU B 249 -7.34 -22.75 -5.57
C LEU B 249 -8.39 -23.66 -4.91
N LEU B 250 -8.43 -23.66 -3.59
CA LEU B 250 -9.42 -24.43 -2.83
C LEU B 250 -10.48 -23.53 -2.13
N TRP B 251 -11.70 -23.48 -2.69
CA TRP B 251 -12.84 -22.70 -2.13
C TRP B 251 -13.48 -23.35 -0.89
N LEU B 252 -13.44 -22.67 0.24
CA LEU B 252 -14.13 -23.18 1.43
C LEU B 252 -15.64 -22.98 1.33
N GLU B 253 -16.38 -23.76 2.14
CA GLU B 253 -17.79 -23.95 1.87
C GLU B 253 -18.72 -23.86 3.06
N ASN B 254 -18.21 -24.13 4.26
CA ASN B 254 -18.98 -23.96 5.49
C ASN B 254 -18.22 -23.07 6.45
N SER B 255 -17.45 -22.16 5.86
CA SER B 255 -16.58 -21.27 6.61
C SER B 255 -16.67 -19.83 6.14
N TYR B 256 -16.48 -18.92 7.08
CA TYR B 256 -16.28 -17.51 6.77
C TYR B 256 -14.79 -17.12 6.76
N HIS B 257 -14.47 -16.01 7.39
CA HIS B 257 -13.14 -15.44 7.26
C HIS B 257 -12.16 -16.21 8.10
N VAL B 258 -12.39 -16.25 9.40
CA VAL B 258 -11.46 -16.88 10.32
C VAL B 258 -11.62 -18.39 10.25
N ALA B 259 -11.19 -18.97 9.13
CA ALA B 259 -11.47 -20.36 8.75
C ALA B 259 -10.77 -21.39 9.59
N THR B 260 -9.57 -21.09 10.04
CA THR B 260 -8.78 -22.01 10.83
C THR B 260 -9.47 -22.43 12.13
N LEU B 261 -10.44 -21.64 12.57
CA LEU B 261 -11.31 -21.94 13.73
C LEU B 261 -12.71 -22.40 13.32
N ASP B 262 -12.98 -22.43 12.03
CA ASP B 262 -14.33 -22.69 11.55
C ASP B 262 -14.62 -24.18 11.56
N ASN B 263 -15.60 -24.62 10.80
CA ASN B 263 -15.85 -26.04 10.73
C ASN B 263 -15.38 -26.64 9.42
N ASP B 264 -14.86 -25.77 8.57
CA ASP B 264 -14.21 -26.20 7.37
C ASP B 264 -12.70 -26.37 7.64
N LYS B 265 -12.31 -26.29 8.91
CA LYS B 265 -10.90 -26.22 9.33
C LYS B 265 -10.09 -27.51 9.33
N GLU B 266 -10.76 -28.60 9.66
CA GLU B 266 -10.15 -29.92 9.75
C GLU B 266 -9.71 -30.31 8.37
N LEU B 267 -10.52 -29.90 7.41
CA LEU B 267 -10.24 -30.08 6.01
C LEU B 267 -8.99 -29.30 5.58
N ILE B 268 -8.81 -28.08 6.09
CA ILE B 268 -7.65 -27.26 5.74
C ILE B 268 -6.38 -27.96 6.17
N LEU B 269 -6.34 -28.34 7.45
CA LEU B 269 -5.20 -29.05 8.01
C LEU B 269 -4.90 -30.27 7.18
N GLU B 270 -5.98 -30.99 6.87
CA GLU B 270 -5.87 -32.17 6.06
C GLU B 270 -5.30 -31.79 4.71
N ARG B 271 -6.00 -30.98 3.92
CA ARG B 271 -5.50 -30.71 2.58
C ARG B 271 -4.09 -30.13 2.60
N SER B 272 -3.76 -29.41 3.66
CA SER B 272 -2.44 -28.79 3.78
C SER B 272 -1.35 -29.82 3.88
N LEU B 273 -1.58 -30.83 4.73
CA LEU B 273 -0.62 -31.93 4.93
C LEU B 273 -0.31 -32.72 3.66
N ALA B 274 -1.34 -32.98 2.87
CA ALA B 274 -1.16 -33.61 1.59
C ALA B 274 -0.36 -32.73 0.67
N PHE B 275 -0.32 -31.42 0.95
CA PHE B 275 0.45 -30.45 0.13
C PHE B 275 1.90 -30.51 0.47
N ILE B 276 2.16 -30.43 1.77
CA ILE B 276 3.51 -30.55 2.30
C ILE B 276 4.18 -31.83 1.73
N ARG B 277 3.55 -32.99 1.95
CA ARG B 277 4.03 -34.31 1.46
C ARG B 277 4.41 -34.40 -0.02
N LYS B 278 3.50 -33.97 -0.89
CA LYS B 278 3.71 -34.07 -2.30
C LYS B 278 4.91 -33.28 -2.77
N HIS B 279 5.30 -32.28 -1.98
CA HIS B 279 6.36 -31.36 -2.39
C HIS B 279 7.61 -31.35 -1.53
N SER B 280 7.63 -32.13 -0.47
CA SER B 280 8.76 -32.11 0.42
C SER B 280 9.61 -33.29 0.09
N LYS B 281 8.94 -34.44 0.05
CA LYS B 281 9.56 -35.69 -0.38
C LYS B 281 10.46 -36.32 0.70
N LEU B 282 10.53 -35.67 1.87
CA LEU B 282 11.41 -36.00 3.00
C LEU B 282 10.54 -36.46 4.18
N ALA B 283 11.08 -37.29 5.08
CA ALA B 283 10.22 -38.06 5.98
C ALA B 283 8.99 -38.36 5.15
N ALA B 284 7.91 -37.62 5.39
CA ALA B 284 6.71 -37.80 4.60
C ALA B 284 6.28 -39.27 4.68
#